data_2PJD
#
_entry.id   2PJD
#
_cell.length_a   123.939
_cell.length_b   51.503
_cell.length_c   73.330
_cell.angle_alpha   90.00
_cell.angle_beta   121.52
_cell.angle_gamma   90.00
#
_symmetry.space_group_name_H-M   'C 1 2 1'
#
loop_
_entity.id
_entity.type
_entity.pdbx_description
1 polymer 'Ribosomal RNA small subunit methyltransferase C'
2 water water
#
_entity_poly.entity_id   1
_entity_poly.type   'polypeptide(L)'
_entity_poly.pdbx_seq_one_letter_code
;MSAFTPASEVLLRHSDDFEQSRILFAGDLQDDLPARLDTAASRAHTQQFHHWQVLSRQ(MSE)GDNARFSLVATADDVAD
CDTLIYYWPKNKPEAQFQL(MSE)NLLSLLPVGTDIFVVGENRSGVRSAEQ(MSE)LADYAPLNKVDSARRCGLYFGRLE
KQPVFDAEKFWGEYSVDGLTVKTLPGVFSRDGLDVGSQLLLSTLTPHTKGKVLDVGCGAGVLSVAFARHSPKIRLTLCDV
SAPAVEASRATLAANGVEGEVFASNVFSEVKGRFD(MSE)IISNPPFHDGMQTSLDAAQTLIRGAVRHLNSGGELRIVAN
AFLPYPDVLDETFGFHEVIAQTGRFKVYRAI(MSE)TRQAKKG
;
_entity_poly.pdbx_strand_id   A
#
# COMPACT_ATOMS: atom_id res chain seq x y z
N ALA A 3 -21.42 -4.54 0.55
CA ALA A 3 -20.07 -3.88 0.49
C ALA A 3 -19.92 -3.03 -0.76
N PHE A 4 -19.29 -1.88 -0.55
CA PHE A 4 -19.07 -0.82 -1.52
C PHE A 4 -18.58 -1.05 -2.94
N THR A 5 -17.35 -1.55 -3.12
CA THR A 5 -16.77 -1.69 -4.46
C THR A 5 -17.47 -2.59 -5.49
N PRO A 6 -17.24 -2.29 -6.77
CA PRO A 6 -17.83 -3.06 -7.89
C PRO A 6 -17.41 -4.55 -7.79
N ALA A 7 -16.15 -4.79 -7.41
CA ALA A 7 -15.67 -6.17 -7.27
C ALA A 7 -16.51 -6.87 -6.19
N SER A 8 -16.75 -6.19 -5.08
CA SER A 8 -17.56 -6.81 -4.03
C SER A 8 -19.02 -6.97 -4.47
N GLU A 9 -19.53 -6.05 -5.28
CA GLU A 9 -20.91 -6.19 -5.78
C GLU A 9 -21.00 -7.50 -6.59
N VAL A 10 -19.97 -7.76 -7.39
CA VAL A 10 -19.94 -8.98 -8.18
C VAL A 10 -20.11 -10.19 -7.25
N LEU A 11 -19.27 -10.26 -6.22
CA LEU A 11 -19.36 -11.40 -5.30
C LEU A 11 -20.77 -11.49 -4.70
N LEU A 12 -21.28 -10.35 -4.26
CA LEU A 12 -22.63 -10.28 -3.68
C LEU A 12 -23.69 -10.95 -4.56
N ARG A 13 -23.47 -10.93 -5.87
CA ARG A 13 -24.42 -11.56 -6.79
C ARG A 13 -24.33 -13.10 -6.70
N HIS A 14 -23.38 -13.62 -5.91
CA HIS A 14 -23.30 -15.08 -5.75
C HIS A 14 -23.30 -15.41 -4.24
N SER A 15 -23.97 -14.56 -3.45
CA SER A 15 -24.04 -14.70 -1.99
C SER A 15 -24.39 -16.08 -1.53
N ASP A 16 -25.37 -16.69 -2.21
CA ASP A 16 -25.87 -18.01 -1.86
C ASP A 16 -24.80 -19.10 -1.80
N ASP A 17 -23.77 -18.95 -2.63
CA ASP A 17 -22.72 -19.94 -2.70
C ASP A 17 -21.69 -19.85 -1.58
N PHE A 18 -21.63 -18.71 -0.91
CA PHE A 18 -20.64 -18.54 0.15
C PHE A 18 -21.19 -18.77 1.56
N GLU A 19 -22.52 -18.92 1.62
CA GLU A 19 -23.19 -19.09 2.91
C GLU A 19 -22.69 -20.19 3.85
N GLN A 20 -22.33 -21.36 3.34
CA GLN A 20 -21.83 -22.41 4.23
C GLN A 20 -20.32 -22.56 4.08
N SER A 21 -19.67 -21.55 3.47
CA SER A 21 -18.23 -21.61 3.25
C SER A 21 -17.36 -21.01 4.36
N ARG A 22 -16.16 -21.57 4.54
CA ARG A 22 -15.19 -21.06 5.50
C ARG A 22 -14.16 -20.35 4.60
N ILE A 23 -14.40 -19.07 4.43
CA ILE A 23 -13.62 -18.25 3.52
C ILE A 23 -12.43 -17.45 3.99
N LEU A 24 -11.36 -17.45 3.20
CA LEU A 24 -10.24 -16.60 3.50
C LEU A 24 -10.28 -15.49 2.45
N PHE A 25 -10.36 -14.23 2.87
CA PHE A 25 -10.34 -13.07 1.96
C PHE A 25 -8.95 -12.46 1.87
N ALA A 26 -8.48 -12.22 0.64
CA ALA A 26 -7.17 -11.63 0.46
C ALA A 26 -7.10 -10.81 -0.85
N GLY A 27 -5.97 -10.15 -1.06
CA GLY A 27 -5.84 -9.32 -2.24
C GLY A 27 -6.04 -7.87 -1.89
N ASP A 28 -6.63 -7.11 -2.82
CA ASP A 28 -6.86 -5.68 -2.63
C ASP A 28 -8.15 -5.57 -1.81
N LEU A 29 -8.04 -5.65 -0.48
CA LEU A 29 -9.27 -5.57 0.31
C LEU A 29 -9.74 -4.14 0.58
N GLN A 30 -10.26 -3.49 -0.46
CA GLN A 30 -10.73 -2.10 -0.43
C GLN A 30 -11.95 -1.75 0.46
N ASP A 31 -12.86 -2.68 0.67
CA ASP A 31 -14.02 -2.36 1.47
C ASP A 31 -14.13 -3.36 2.58
N ASP A 32 -15.28 -3.41 3.23
CA ASP A 32 -15.45 -4.31 4.35
C ASP A 32 -16.33 -5.53 4.11
N LEU A 33 -16.50 -5.89 2.85
CA LEU A 33 -17.28 -7.09 2.53
C LEU A 33 -16.69 -8.31 3.31
N PRO A 34 -15.36 -8.39 3.46
CA PRO A 34 -14.88 -9.57 4.20
C PRO A 34 -15.49 -9.66 5.63
N ALA A 35 -15.82 -8.51 6.22
CA ALA A 35 -16.36 -8.52 7.56
C ALA A 35 -17.87 -8.75 7.58
N ARG A 36 -18.53 -8.47 6.46
CA ARG A 36 -20.00 -8.55 6.39
C ARG A 36 -20.62 -9.73 5.65
N LEU A 37 -19.93 -10.29 4.68
CA LEU A 37 -20.47 -11.40 3.89
C LEU A 37 -20.91 -12.54 4.79
N ASP A 38 -22.11 -13.06 4.54
CA ASP A 38 -22.62 -14.20 5.31
C ASP A 38 -21.84 -15.46 4.87
N THR A 39 -21.16 -16.01 5.86
CA THR A 39 -20.29 -17.17 5.67
C THR A 39 -20.36 -18.09 6.88
N ALA A 40 -19.86 -19.30 6.73
CA ALA A 40 -19.84 -20.20 7.86
C ALA A 40 -18.73 -19.64 8.77
N ALA A 41 -17.72 -19.01 8.16
CA ALA A 41 -16.60 -18.42 8.89
C ALA A 41 -15.80 -17.57 7.89
N SER A 42 -15.23 -16.47 8.37
CA SER A 42 -14.45 -15.60 7.49
C SER A 42 -13.10 -15.25 8.07
N ARG A 43 -12.08 -15.21 7.20
CA ARG A 43 -10.75 -14.80 7.63
C ARG A 43 -10.20 -13.84 6.59
N ALA A 44 -9.17 -13.09 6.96
CA ALA A 44 -8.55 -12.20 6.01
C ALA A 44 -7.07 -12.00 6.28
N HIS A 45 -6.31 -11.76 5.23
CA HIS A 45 -4.91 -11.46 5.39
C HIS A 45 -4.65 -10.38 4.42
N THR A 46 -4.03 -9.29 4.88
CA THR A 46 -3.76 -8.17 3.98
C THR A 46 -2.37 -7.63 4.21
N GLN A 47 -1.82 -7.04 3.17
CA GLN A 47 -0.50 -6.42 3.26
C GLN A 47 -0.70 -4.90 3.43
N GLN A 48 -1.95 -4.47 3.69
CA GLN A 48 -2.27 -3.05 3.87
C GLN A 48 -2.76 -2.77 5.26
N PHE A 49 -2.03 -1.90 5.96
CA PHE A 49 -2.37 -1.53 7.34
C PHE A 49 -3.75 -0.89 7.54
N HIS A 50 -4.14 0.03 6.65
CA HIS A 50 -5.42 0.69 6.84
C HIS A 50 -6.57 -0.30 6.62
N HIS A 51 -6.39 -1.21 5.66
CA HIS A 51 -7.44 -2.20 5.41
C HIS A 51 -7.51 -3.10 6.64
N TRP A 52 -6.36 -3.43 7.22
CA TRP A 52 -6.37 -4.27 8.42
C TRP A 52 -7.07 -3.51 9.56
N GLN A 53 -6.82 -2.21 9.66
CA GLN A 53 -7.48 -1.45 10.72
C GLN A 53 -8.98 -1.64 10.62
N VAL A 54 -9.50 -1.41 9.41
CA VAL A 54 -10.91 -1.53 9.19
C VAL A 54 -11.47 -2.91 9.45
N LEU A 55 -10.83 -3.93 8.89
CA LEU A 55 -11.32 -5.27 9.06
C LEU A 55 -11.18 -5.85 10.48
N SER A 56 -10.06 -5.64 11.16
CA SER A 56 -9.90 -6.21 12.49
C SER A 56 -10.83 -5.58 13.52
N ARG A 57 -11.24 -4.34 13.29
CA ARG A 57 -12.15 -3.69 14.23
C ARG A 57 -13.38 -4.59 14.40
N GLN A 58 -13.87 -5.09 13.27
CA GLN A 58 -15.04 -5.97 13.24
C GLN A 58 -14.70 -7.48 13.37
N MSE A 59 -13.60 -7.90 12.75
CA MSE A 59 -13.24 -9.32 12.76
C MSE A 59 -12.23 -9.77 13.80
O MSE A 59 -11.95 -10.96 13.87
CB MSE A 59 -12.72 -9.71 11.37
CG MSE A 59 -13.63 -9.33 10.21
SE MSE A 59 -12.73 -9.68 8.49
CE MSE A 59 -12.78 -11.64 8.51
N GLY A 60 -11.65 -8.83 14.55
CA GLY A 60 -10.64 -9.19 15.53
C GLY A 60 -9.47 -9.95 14.91
N ASP A 61 -9.04 -11.01 15.59
CA ASP A 61 -7.92 -11.83 15.15
C ASP A 61 -8.20 -12.68 13.89
N ASN A 62 -9.41 -12.61 13.36
CA ASN A 62 -9.71 -13.34 12.13
C ASN A 62 -9.15 -12.53 10.96
N ALA A 63 -8.77 -11.28 11.22
CA ALA A 63 -8.17 -10.45 10.19
C ALA A 63 -6.70 -10.26 10.57
N ARG A 64 -5.79 -10.52 9.62
CA ARG A 64 -4.35 -10.39 9.87
C ARG A 64 -3.61 -9.48 8.89
N PHE A 65 -2.52 -8.88 9.38
CA PHE A 65 -1.69 -8.00 8.59
C PHE A 65 -0.23 -8.43 8.67
N SER A 66 0.41 -8.52 7.51
CA SER A 66 1.83 -8.88 7.44
C SER A 66 2.26 -8.98 5.98
N LEU A 67 3.57 -8.94 5.74
CA LEU A 67 4.06 -9.06 4.39
C LEU A 67 3.71 -10.42 3.84
N VAL A 68 4.01 -11.45 4.62
CA VAL A 68 3.79 -12.84 4.17
C VAL A 68 2.72 -13.60 4.97
N ALA A 69 1.72 -14.16 4.28
CA ALA A 69 0.69 -14.96 4.95
C ALA A 69 1.33 -16.27 5.44
N THR A 70 0.85 -16.78 6.57
CA THR A 70 1.43 -17.99 7.18
C THR A 70 0.35 -19.05 7.24
N ALA A 71 0.77 -20.27 7.55
CA ALA A 71 -0.13 -21.42 7.64
C ALA A 71 -1.28 -21.12 8.59
N ASP A 72 -0.94 -20.49 9.71
CA ASP A 72 -1.94 -20.14 10.70
C ASP A 72 -2.94 -19.09 10.21
N ASP A 73 -2.45 -18.12 9.43
CA ASP A 73 -3.28 -17.04 8.88
C ASP A 73 -4.36 -17.63 7.97
N VAL A 74 -4.01 -18.77 7.37
CA VAL A 74 -4.84 -19.45 6.42
C VAL A 74 -5.65 -20.65 6.91
N ALA A 75 -5.38 -21.12 8.12
CA ALA A 75 -6.06 -22.31 8.62
C ALA A 75 -7.59 -22.37 8.66
N ASP A 76 -8.13 -23.57 8.48
CA ASP A 76 -9.57 -23.80 8.52
C ASP A 76 -10.40 -22.98 7.54
N CYS A 77 -9.84 -22.78 6.35
CA CYS A 77 -10.50 -22.07 5.27
C CYS A 77 -10.54 -23.08 4.09
N ASP A 78 -11.72 -23.27 3.53
CA ASP A 78 -11.91 -24.19 2.41
C ASP A 78 -12.17 -23.41 1.11
N THR A 79 -12.08 -22.09 1.20
CA THR A 79 -12.33 -21.23 0.05
C THR A 79 -11.49 -19.97 0.11
N LEU A 80 -10.94 -19.56 -1.02
CA LEU A 80 -10.18 -18.32 -1.10
C LEU A 80 -10.94 -17.39 -2.05
N ILE A 81 -11.16 -16.15 -1.59
CA ILE A 81 -11.76 -15.12 -2.42
C ILE A 81 -10.66 -14.08 -2.44
N TYR A 82 -10.06 -13.96 -3.61
CA TYR A 82 -8.94 -13.05 -3.83
C TYR A 82 -9.34 -11.91 -4.75
N TYR A 83 -9.15 -10.68 -4.24
CA TYR A 83 -9.43 -9.46 -4.99
C TYR A 83 -8.17 -9.05 -5.75
N TRP A 84 -8.22 -9.13 -7.07
CA TRP A 84 -7.08 -8.83 -7.92
C TRP A 84 -6.59 -7.40 -7.76
N PRO A 85 -5.30 -7.21 -7.48
CA PRO A 85 -4.68 -5.88 -7.32
C PRO A 85 -4.40 -5.19 -8.65
N LYS A 86 -4.01 -3.92 -8.59
CA LYS A 86 -3.66 -3.17 -9.80
C LYS A 86 -2.39 -3.65 -10.53
N ASN A 87 -1.38 -4.09 -9.77
CA ASN A 87 -0.11 -4.51 -10.38
C ASN A 87 0.15 -6.00 -10.31
N LYS A 88 0.51 -6.55 -11.46
CA LYS A 88 0.79 -7.96 -11.63
C LYS A 88 1.84 -8.58 -10.68
N PRO A 89 3.04 -7.98 -10.52
CA PRO A 89 4.02 -8.62 -9.58
C PRO A 89 3.42 -8.77 -8.15
N GLU A 90 2.58 -7.82 -7.76
CA GLU A 90 1.94 -7.90 -6.43
C GLU A 90 1.01 -9.11 -6.41
N ALA A 91 0.21 -9.26 -7.47
CA ALA A 91 -0.70 -10.38 -7.53
C ALA A 91 0.07 -11.72 -7.57
N GLN A 92 1.19 -11.77 -8.28
CA GLN A 92 1.98 -13.01 -8.35
C GLN A 92 2.49 -13.37 -6.94
N PHE A 93 3.10 -12.41 -6.26
CA PHE A 93 3.63 -12.58 -4.92
C PHE A 93 2.53 -13.08 -3.97
N GLN A 94 1.39 -12.39 -3.96
CA GLN A 94 0.31 -12.81 -3.09
C GLN A 94 -0.32 -14.18 -3.41
N LEU A 95 -0.61 -14.44 -4.68
CA LEU A 95 -1.21 -15.76 -5.00
C LEU A 95 -0.28 -16.96 -4.80
N MSE A 96 1.00 -16.79 -5.07
CA MSE A 96 1.92 -17.91 -4.87
C MSE A 96 2.01 -18.15 -3.35
O MSE A 96 1.97 -19.31 -2.88
CB MSE A 96 3.32 -17.59 -5.43
CG MSE A 96 3.35 -17.38 -6.98
SE MSE A 96 2.68 -18.99 -7.92
CE MSE A 96 0.85 -18.37 -8.44
N ASN A 97 2.12 -17.07 -2.60
CA ASN A 97 2.20 -17.14 -1.14
C ASN A 97 0.99 -17.88 -0.63
N LEU A 98 -0.19 -17.38 -0.98
CA LEU A 98 -1.43 -17.99 -0.51
C LEU A 98 -1.69 -19.45 -1.02
N LEU A 99 -1.54 -19.67 -2.31
CA LEU A 99 -1.80 -20.99 -2.88
C LEU A 99 -0.78 -22.06 -2.39
N SER A 100 0.41 -21.59 -2.01
CA SER A 100 1.42 -22.50 -1.53
C SER A 100 1.07 -23.04 -0.16
N LEU A 101 0.08 -22.43 0.53
CA LEU A 101 -0.29 -22.85 1.89
C LEU A 101 -1.67 -23.47 2.06
N LEU A 102 -2.59 -23.09 1.17
CA LEU A 102 -3.95 -23.60 1.27
C LEU A 102 -3.94 -25.06 0.81
N PRO A 103 -4.80 -25.89 1.37
CA PRO A 103 -4.95 -27.32 1.07
C PRO A 103 -5.36 -27.58 -0.38
N VAL A 104 -4.98 -28.75 -0.89
CA VAL A 104 -5.35 -29.15 -2.25
C VAL A 104 -6.86 -29.32 -2.08
N GLY A 105 -7.65 -28.87 -3.05
CA GLY A 105 -9.10 -28.95 -2.93
C GLY A 105 -9.78 -27.63 -2.54
N THR A 106 -9.00 -26.66 -2.10
CA THR A 106 -9.62 -25.39 -1.74
C THR A 106 -10.28 -24.72 -2.98
N ASP A 107 -11.45 -24.12 -2.81
CA ASP A 107 -12.08 -23.43 -3.96
C ASP A 107 -11.40 -22.09 -4.11
N ILE A 108 -11.10 -21.69 -5.33
CA ILE A 108 -10.45 -20.41 -5.55
C ILE A 108 -11.36 -19.51 -6.39
N PHE A 109 -11.57 -18.29 -5.91
CA PHE A 109 -12.39 -17.31 -6.62
C PHE A 109 -11.47 -16.11 -6.79
N VAL A 110 -11.45 -15.53 -7.98
CA VAL A 110 -10.62 -14.35 -8.27
C VAL A 110 -11.55 -13.34 -8.90
N VAL A 111 -11.60 -12.15 -8.31
CA VAL A 111 -12.46 -11.07 -8.79
C VAL A 111 -11.66 -9.80 -8.97
N GLY A 112 -11.93 -9.13 -10.09
CA GLY A 112 -11.24 -7.90 -10.40
C GLY A 112 -11.74 -7.19 -11.66
N GLU A 113 -10.98 -6.19 -12.06
CA GLU A 113 -11.30 -5.36 -13.22
C GLU A 113 -10.40 -5.71 -14.40
N ASN A 114 -11.02 -5.88 -15.55
CA ASN A 114 -10.29 -6.19 -16.78
C ASN A 114 -9.23 -5.14 -17.01
N ARG A 115 -9.56 -3.88 -16.71
CA ARG A 115 -8.62 -2.79 -16.90
C ARG A 115 -7.39 -2.94 -15.99
N SER A 116 -7.52 -3.66 -14.86
CA SER A 116 -6.39 -3.89 -13.93
C SER A 116 -5.66 -5.21 -14.22
N GLY A 117 -5.93 -5.77 -15.39
CA GLY A 117 -5.30 -7.00 -15.83
C GLY A 117 -5.77 -8.33 -15.22
N VAL A 118 -6.98 -8.36 -14.64
CA VAL A 118 -7.47 -9.61 -14.03
C VAL A 118 -7.45 -10.81 -15.00
N ARG A 119 -7.45 -10.57 -16.31
CA ARG A 119 -7.42 -11.69 -17.25
C ARG A 119 -6.12 -12.50 -17.11
N SER A 120 -5.06 -11.84 -16.65
CA SER A 120 -3.75 -12.47 -16.46
C SER A 120 -3.79 -13.62 -15.45
N ALA A 121 -4.84 -13.65 -14.62
CA ALA A 121 -4.96 -14.71 -13.60
C ALA A 121 -4.98 -16.12 -14.19
N GLU A 122 -5.70 -16.31 -15.30
CA GLU A 122 -5.79 -17.63 -15.94
C GLU A 122 -4.42 -18.28 -16.19
N GLN A 123 -3.56 -17.58 -16.93
CA GLN A 123 -2.25 -18.09 -17.23
C GLN A 123 -1.48 -18.28 -15.92
N MSE A 124 -1.50 -17.25 -15.07
CA MSE A 124 -0.80 -17.29 -13.78
C MSE A 124 -1.12 -18.55 -12.97
O MSE A 124 -0.21 -19.21 -12.41
CB MSE A 124 -1.17 -16.04 -12.96
CG MSE A 124 -0.21 -15.83 -11.77
SE MSE A 124 -0.66 -14.23 -10.75
CE MSE A 124 0.11 -12.94 -11.99
N LEU A 125 -2.39 -18.91 -12.90
CA LEU A 125 -2.80 -20.07 -12.15
C LEU A 125 -3.01 -21.36 -12.96
N ALA A 126 -2.79 -21.29 -14.28
CA ALA A 126 -3.02 -22.44 -15.15
C ALA A 126 -2.43 -23.77 -14.61
N ASP A 127 -1.23 -23.72 -14.06
CA ASP A 127 -0.62 -24.93 -13.59
C ASP A 127 -0.92 -25.26 -12.13
N TYR A 128 -1.71 -24.42 -11.45
CA TYR A 128 -2.00 -24.68 -10.05
C TYR A 128 -3.47 -24.88 -9.69
N ALA A 129 -4.29 -23.97 -10.20
CA ALA A 129 -5.69 -24.02 -9.92
C ALA A 129 -6.38 -23.49 -11.18
N PRO A 130 -6.62 -24.37 -12.17
CA PRO A 130 -7.25 -24.05 -13.46
C PRO A 130 -8.52 -23.22 -13.25
N LEU A 131 -8.49 -22.01 -13.79
CA LEU A 131 -9.58 -21.05 -13.65
C LEU A 131 -10.57 -20.99 -14.84
N ASN A 132 -11.86 -20.82 -14.57
CA ASN A 132 -12.87 -20.61 -15.61
C ASN A 132 -13.68 -19.33 -15.33
N LYS A 133 -13.88 -18.49 -16.34
CA LYS A 133 -14.64 -17.23 -16.18
C LYS A 133 -16.12 -17.45 -15.86
N VAL A 134 -16.64 -16.71 -14.87
CA VAL A 134 -18.06 -16.79 -14.50
C VAL A 134 -18.73 -15.52 -15.09
N ASP A 135 -19.85 -15.67 -15.78
CA ASP A 135 -20.48 -14.48 -16.38
C ASP A 135 -20.61 -13.37 -15.36
N SER A 136 -20.13 -12.18 -15.71
CA SER A 136 -20.23 -11.04 -14.81
C SER A 136 -20.49 -9.78 -15.62
N ALA A 137 -20.55 -8.65 -14.94
CA ALA A 137 -20.75 -7.34 -15.59
C ALA A 137 -19.62 -7.20 -16.61
N ARG A 138 -19.87 -6.45 -17.68
CA ARG A 138 -18.86 -6.35 -18.74
C ARG A 138 -17.42 -5.94 -18.42
N ARG A 139 -17.22 -5.03 -17.46
CA ARG A 139 -15.87 -4.57 -17.13
C ARG A 139 -15.17 -5.36 -16.00
N CYS A 140 -15.92 -6.29 -15.43
CA CYS A 140 -15.46 -7.11 -14.33
C CYS A 140 -15.11 -8.53 -14.74
N GLY A 141 -14.12 -9.09 -14.08
CA GLY A 141 -13.74 -10.48 -14.34
C GLY A 141 -13.95 -11.29 -13.07
N LEU A 142 -14.74 -12.35 -13.16
CA LEU A 142 -14.98 -13.22 -12.02
C LEU A 142 -14.54 -14.64 -12.48
N TYR A 143 -13.60 -15.25 -11.77
CA TYR A 143 -13.07 -16.58 -12.09
C TYR A 143 -13.12 -17.56 -10.94
N PHE A 144 -13.36 -18.81 -11.29
CA PHE A 144 -13.44 -19.89 -10.30
C PHE A 144 -12.64 -21.13 -10.66
N GLY A 145 -12.13 -21.80 -9.65
CA GLY A 145 -11.39 -23.04 -9.89
C GLY A 145 -10.97 -23.71 -8.59
N ARG A 146 -10.57 -24.98 -8.64
CA ARG A 146 -10.11 -25.61 -7.42
C ARG A 146 -8.59 -25.79 -7.42
N LEU A 147 -7.97 -25.66 -6.25
CA LEU A 147 -6.53 -25.78 -6.11
C LEU A 147 -6.12 -27.25 -6.37
N GLU A 148 -5.40 -27.50 -7.47
CA GLU A 148 -5.00 -28.88 -7.76
C GLU A 148 -3.57 -29.11 -7.29
N LYS A 149 -2.68 -28.14 -7.52
CA LYS A 149 -1.29 -28.30 -7.10
C LYS A 149 -0.73 -27.04 -6.46
N GLN A 150 -0.20 -27.18 -5.26
CA GLN A 150 0.37 -26.03 -4.56
C GLN A 150 1.67 -25.58 -5.18
N PRO A 151 1.81 -24.28 -5.43
CA PRO A 151 3.09 -23.88 -6.00
C PRO A 151 4.06 -23.86 -4.81
N VAL A 152 5.34 -23.66 -5.08
CA VAL A 152 6.30 -23.59 -4.00
C VAL A 152 6.65 -22.11 -3.93
N PHE A 153 6.57 -21.52 -2.74
CA PHE A 153 6.82 -20.10 -2.53
C PHE A 153 7.98 -19.75 -1.56
N ASP A 154 8.85 -18.82 -1.96
CA ASP A 154 9.95 -18.38 -1.11
C ASP A 154 10.08 -16.86 -1.27
N ALA A 155 9.45 -16.12 -0.37
CA ALA A 155 9.44 -14.66 -0.40
C ALA A 155 10.77 -13.99 -0.75
N GLU A 156 11.85 -14.59 -0.28
CA GLU A 156 13.19 -14.05 -0.52
C GLU A 156 13.54 -13.96 -2.00
N LYS A 157 12.94 -14.80 -2.80
CA LYS A 157 13.26 -14.77 -4.20
C LYS A 157 12.61 -13.59 -4.91
N PHE A 158 11.68 -12.93 -4.24
CA PHE A 158 10.93 -11.79 -4.83
C PHE A 158 11.56 -10.45 -4.54
N TRP A 159 12.58 -10.45 -3.67
CA TRP A 159 13.27 -9.24 -3.34
C TRP A 159 14.05 -8.74 -4.55
N GLY A 160 13.98 -7.44 -4.77
CA GLY A 160 14.70 -6.83 -5.87
C GLY A 160 15.75 -5.93 -5.24
N GLU A 161 16.79 -5.61 -6.01
CA GLU A 161 17.84 -4.72 -5.53
C GLU A 161 18.51 -4.04 -6.70
N TYR A 162 18.65 -2.73 -6.61
CA TYR A 162 19.34 -2.01 -7.64
C TYR A 162 19.97 -0.74 -7.09
N SER A 163 20.82 -0.13 -7.88
CA SER A 163 21.46 1.10 -7.46
C SER A 163 21.08 2.28 -8.38
N VAL A 164 20.71 3.43 -7.78
CA VAL A 164 20.40 4.62 -8.57
C VAL A 164 21.01 5.82 -7.81
N ASP A 165 21.80 6.62 -8.54
CA ASP A 165 22.47 7.81 -8.00
C ASP A 165 23.32 7.47 -6.79
N GLY A 166 24.00 6.32 -6.86
CA GLY A 166 24.88 5.92 -5.77
C GLY A 166 24.10 5.47 -4.55
N LEU A 167 22.80 5.23 -4.69
CA LEU A 167 22.00 4.76 -3.59
C LEU A 167 21.52 3.34 -3.85
N THR A 168 21.65 2.48 -2.86
CA THR A 168 21.17 1.10 -2.97
C THR A 168 19.70 1.04 -2.60
N VAL A 169 18.90 0.41 -3.43
CA VAL A 169 17.48 0.29 -3.19
C VAL A 169 17.04 -1.17 -3.20
N LYS A 170 16.37 -1.59 -2.13
CA LYS A 170 15.84 -2.94 -2.04
C LYS A 170 14.32 -2.77 -2.09
N THR A 171 13.68 -3.56 -2.91
CA THR A 171 12.26 -3.43 -3.03
C THR A 171 11.57 -4.78 -3.20
N LEU A 172 10.25 -4.76 -3.10
CA LEU A 172 9.40 -5.93 -3.16
C LEU A 172 8.14 -5.62 -3.96
N PRO A 173 7.48 -6.68 -4.47
CA PRO A 173 6.25 -6.48 -5.23
C PRO A 173 5.33 -5.77 -4.25
N GLY A 174 4.59 -4.79 -4.72
CA GLY A 174 3.69 -4.06 -3.85
C GLY A 174 4.12 -2.61 -3.65
N VAL A 175 5.23 -2.20 -4.24
CA VAL A 175 5.70 -0.81 -4.12
C VAL A 175 5.86 -0.31 -5.56
N PHE A 176 4.92 -0.77 -6.41
CA PHE A 176 4.87 -0.55 -7.87
C PHE A 176 5.06 0.75 -8.65
N SER A 177 5.86 1.69 -8.17
CA SER A 177 6.13 2.96 -8.87
C SER A 177 6.60 3.95 -7.83
N ARG A 178 6.68 3.45 -6.61
CA ARG A 178 7.10 4.26 -5.48
C ARG A 178 8.43 3.78 -4.89
N ASP A 179 9.20 3.01 -5.66
CA ASP A 179 10.48 2.49 -5.20
C ASP A 179 11.63 3.05 -6.00
N GLY A 180 11.44 4.21 -6.64
CA GLY A 180 12.55 4.77 -7.39
C GLY A 180 12.77 6.26 -7.15
N LEU A 181 13.81 6.80 -7.76
CA LEU A 181 14.12 8.22 -7.68
C LEU A 181 13.31 8.85 -8.82
N ASP A 182 12.00 8.99 -8.64
CA ASP A 182 11.11 9.56 -9.66
C ASP A 182 11.33 11.07 -9.76
N VAL A 183 10.77 11.67 -10.80
CA VAL A 183 10.97 13.09 -11.03
C VAL A 183 10.41 13.93 -9.88
N GLY A 184 9.27 13.54 -9.33
CA GLY A 184 8.72 14.29 -8.21
C GLY A 184 9.68 14.27 -7.02
N SER A 185 10.28 13.11 -6.76
CA SER A 185 11.22 12.97 -5.66
C SER A 185 12.41 13.85 -5.90
N GLN A 186 12.89 13.89 -7.14
CA GLN A 186 14.04 14.72 -7.47
C GLN A 186 13.80 16.23 -7.18
N LEU A 187 12.60 16.69 -7.49
CA LEU A 187 12.22 18.09 -7.27
C LEU A 187 12.18 18.35 -5.75
N LEU A 188 11.54 17.44 -5.03
CA LEU A 188 11.42 17.60 -3.56
C LEU A 188 12.84 17.70 -3.01
N LEU A 189 13.67 16.71 -3.38
CA LEU A 189 15.06 16.69 -2.93
C LEU A 189 15.84 17.97 -3.24
N SER A 190 15.60 18.60 -4.39
CA SER A 190 16.36 19.81 -4.73
C SER A 190 16.08 20.98 -3.80
N THR A 191 14.95 20.95 -3.10
CA THR A 191 14.65 22.04 -2.19
C THR A 191 15.27 21.83 -0.80
N LEU A 192 15.75 20.62 -0.51
CA LEU A 192 16.35 20.36 0.80
C LEU A 192 17.83 20.71 0.76
N THR A 193 18.25 21.52 1.71
CA THR A 193 19.62 21.98 1.79
C THR A 193 20.49 21.03 2.59
N PRO A 194 21.76 20.88 2.19
CA PRO A 194 22.71 19.98 2.89
C PRO A 194 22.96 20.40 4.35
N HIS A 195 23.18 19.43 5.20
CA HIS A 195 23.43 19.62 6.63
C HIS A 195 22.18 20.15 7.33
N THR A 196 21.02 19.75 6.84
CA THR A 196 19.79 20.14 7.49
C THR A 196 19.79 19.37 8.83
N LYS A 197 19.12 19.91 9.84
CA LYS A 197 19.09 19.21 11.12
C LYS A 197 17.65 19.04 11.59
N GLY A 198 17.45 18.16 12.57
CA GLY A 198 16.10 17.95 13.08
C GLY A 198 15.49 16.56 12.92
N LYS A 199 14.29 16.40 13.47
CA LYS A 199 13.53 15.16 13.40
C LYS A 199 12.71 15.31 12.12
N VAL A 200 12.73 14.28 11.27
CA VAL A 200 12.04 14.40 9.98
C VAL A 200 10.72 13.68 9.66
N LEU A 201 10.62 12.37 9.66
CA LEU A 201 9.28 11.83 9.28
C LEU A 201 8.95 11.94 7.75
N ASP A 202 8.98 10.79 7.11
CA ASP A 202 8.69 10.69 5.68
C ASP A 202 7.42 9.86 5.68
N VAL A 203 6.32 10.50 5.33
CA VAL A 203 5.03 9.83 5.39
C VAL A 203 4.66 8.92 4.22
N GLY A 204 4.93 9.33 3.00
CA GLY A 204 4.54 8.42 1.93
C GLY A 204 5.62 7.40 1.63
N CYS A 205 6.29 6.93 2.67
CA CYS A 205 7.38 5.97 2.59
C CYS A 205 7.99 5.40 1.31
N GLY A 206 7.26 4.44 0.73
CA GLY A 206 7.73 3.75 -0.46
C GLY A 206 8.89 2.85 -0.03
N ALA A 207 9.95 2.82 -0.81
CA ALA A 207 11.11 2.00 -0.46
C ALA A 207 12.13 2.81 0.33
N GLY A 208 11.80 4.06 0.65
CA GLY A 208 12.70 4.90 1.42
C GLY A 208 13.77 5.67 0.68
N VAL A 209 13.68 5.71 -0.65
CA VAL A 209 14.67 6.43 -1.45
C VAL A 209 14.81 7.91 -1.06
N LEU A 210 13.70 8.58 -0.79
CA LEU A 210 13.74 9.99 -0.42
C LEU A 210 14.58 10.16 0.86
N SER A 211 14.30 9.32 1.84
CA SER A 211 14.97 9.37 3.15
C SER A 211 16.49 9.16 3.11
N VAL A 212 16.94 8.17 2.34
CA VAL A 212 18.36 7.92 2.25
C VAL A 212 19.04 8.99 1.42
N ALA A 213 18.32 9.59 0.48
CA ALA A 213 18.94 10.64 -0.33
C ALA A 213 19.03 11.90 0.56
N PHE A 214 18.02 12.12 1.38
CA PHE A 214 18.03 13.25 2.32
C PHE A 214 19.20 13.06 3.34
N ALA A 215 19.24 11.88 3.95
CA ALA A 215 20.28 11.57 4.94
C ALA A 215 21.67 11.69 4.37
N ARG A 216 21.84 11.41 3.08
CA ARG A 216 23.17 11.50 2.50
C ARG A 216 23.80 12.90 2.60
N HIS A 217 23.02 13.95 2.39
CA HIS A 217 23.62 15.27 2.53
C HIS A 217 23.32 15.92 3.90
N SER A 218 22.37 15.35 4.65
CA SER A 218 22.03 15.87 5.99
C SER A 218 22.05 14.67 6.94
N PRO A 219 23.24 14.13 7.19
CA PRO A 219 23.48 12.99 8.05
C PRO A 219 23.04 13.01 9.49
N LYS A 220 22.72 14.19 9.99
CA LYS A 220 22.29 14.37 11.38
C LYS A 220 20.78 14.28 11.54
N ILE A 221 20.04 14.34 10.44
CA ILE A 221 18.59 14.28 10.60
C ILE A 221 18.23 12.99 11.35
N ARG A 222 17.12 13.04 12.08
CA ARG A 222 16.68 11.87 12.82
C ARG A 222 15.39 11.43 12.13
N LEU A 223 15.49 10.28 11.48
CA LEU A 223 14.43 9.72 10.66
C LEU A 223 13.33 8.79 11.20
N THR A 224 12.09 9.10 10.81
CA THR A 224 10.94 8.22 11.08
C THR A 224 10.23 8.05 9.71
N LEU A 225 9.92 6.80 9.37
CA LEU A 225 9.26 6.49 8.11
C LEU A 225 8.00 5.68 8.42
N CYS A 226 6.94 5.92 7.68
CA CYS A 226 5.74 5.12 7.83
C CYS A 226 5.03 4.99 6.48
N ASP A 227 4.23 3.93 6.32
CA ASP A 227 3.51 3.66 5.06
C ASP A 227 2.43 2.65 5.46
N VAL A 228 1.42 2.48 4.61
CA VAL A 228 0.35 1.54 4.96
C VAL A 228 0.70 0.13 4.52
N SER A 229 1.55 0.07 3.50
CA SER A 229 1.94 -1.19 2.90
C SER A 229 3.07 -1.95 3.60
N ALA A 230 2.84 -3.23 3.89
CA ALA A 230 3.85 -4.05 4.52
C ALA A 230 5.12 -4.12 3.62
N PRO A 231 4.93 -4.33 2.29
CA PRO A 231 6.12 -4.38 1.43
C PRO A 231 6.94 -3.10 1.54
N ALA A 232 6.24 -1.96 1.53
CA ALA A 232 6.89 -0.67 1.65
C ALA A 232 7.63 -0.58 2.99
N VAL A 233 7.01 -1.06 4.08
CA VAL A 233 7.66 -1.02 5.39
C VAL A 233 8.93 -1.90 5.36
N GLU A 234 8.82 -3.09 4.78
CA GLU A 234 9.96 -4.01 4.67
C GLU A 234 11.04 -3.45 3.78
N ALA A 235 10.66 -2.97 2.59
CA ALA A 235 11.63 -2.40 1.66
C ALA A 235 12.39 -1.24 2.27
N SER A 236 11.67 -0.34 2.94
CA SER A 236 12.33 0.85 3.53
C SER A 236 13.38 0.49 4.57
N ARG A 237 13.05 -0.42 5.48
CA ARG A 237 14.02 -0.79 6.49
C ARG A 237 15.26 -1.35 5.82
N ALA A 238 15.05 -2.24 4.85
CA ALA A 238 16.19 -2.84 4.16
C ALA A 238 17.03 -1.80 3.41
N THR A 239 16.36 -0.83 2.78
CA THR A 239 17.03 0.24 2.04
C THR A 239 17.81 1.19 3.00
N LEU A 240 17.25 1.49 4.17
CA LEU A 240 17.95 2.35 5.12
C LEU A 240 19.25 1.62 5.53
N ALA A 241 19.07 0.38 5.96
CA ALA A 241 20.19 -0.46 6.37
C ALA A 241 21.24 -0.50 5.25
N ALA A 242 20.77 -0.84 4.05
CA ALA A 242 21.67 -0.93 2.92
C ALA A 242 22.43 0.35 2.67
N ASN A 243 21.99 1.47 3.23
CA ASN A 243 22.75 2.72 3.00
C ASN A 243 23.37 3.32 4.26
N GLY A 244 23.56 2.50 5.31
CA GLY A 244 24.13 3.03 6.55
C GLY A 244 23.33 4.17 7.19
N VAL A 245 22.01 4.15 7.04
CA VAL A 245 21.16 5.19 7.60
C VAL A 245 20.30 4.64 8.73
N GLU A 246 20.34 5.30 9.88
CA GLU A 246 19.52 4.88 11.01
C GLU A 246 18.10 5.45 10.79
N GLY A 247 17.10 4.88 11.44
CA GLY A 247 15.77 5.39 11.27
C GLY A 247 14.73 4.41 11.78
N GLU A 248 13.59 4.93 12.19
CA GLU A 248 12.54 4.06 12.67
C GLU A 248 11.52 3.96 11.53
N VAL A 249 11.11 2.74 11.19
CA VAL A 249 10.12 2.51 10.15
C VAL A 249 8.94 1.70 10.71
N PHE A 250 7.72 2.16 10.47
CA PHE A 250 6.58 1.39 10.93
C PHE A 250 5.37 1.59 10.06
N ALA A 251 4.42 0.69 10.17
CA ALA A 251 3.22 0.78 9.36
C ALA A 251 2.34 1.80 10.02
N SER A 252 1.56 2.51 9.22
CA SER A 252 0.68 3.51 9.79
C SER A 252 -0.34 3.88 8.74
N ASN A 253 -1.53 4.27 9.16
CA ASN A 253 -2.54 4.72 8.19
C ASN A 253 -2.36 6.22 8.26
N VAL A 254 -1.39 6.72 7.50
CA VAL A 254 -1.03 8.13 7.48
C VAL A 254 -0.46 8.41 8.89
N PHE A 255 -1.08 9.30 9.68
CA PHE A 255 -0.58 9.60 11.04
C PHE A 255 -1.14 8.74 12.20
N SER A 256 -1.92 7.72 11.91
CA SER A 256 -2.54 6.90 12.94
C SER A 256 -1.58 6.35 13.99
N GLU A 257 -0.38 5.95 13.57
CA GLU A 257 0.58 5.42 14.53
C GLU A 257 1.74 6.39 14.77
N VAL A 258 1.65 7.59 14.23
CA VAL A 258 2.72 8.53 14.46
C VAL A 258 2.54 9.18 15.84
N LYS A 259 3.59 9.14 16.67
CA LYS A 259 3.57 9.72 18.01
C LYS A 259 4.65 10.76 18.16
N GLY A 260 4.30 11.99 18.54
CA GLY A 260 5.31 13.02 18.69
C GLY A 260 5.29 14.13 17.65
N ARG A 261 6.20 15.09 17.81
CA ARG A 261 6.27 16.20 16.89
C ARG A 261 7.59 16.20 16.11
N PHE A 262 7.59 16.79 14.92
CA PHE A 262 8.77 16.79 14.05
C PHE A 262 9.15 18.17 13.58
N ASP A 263 10.38 18.31 13.10
CA ASP A 263 10.81 19.61 12.58
C ASP A 263 10.46 19.73 11.09
N MSE A 264 10.28 18.59 10.43
CA MSE A 264 9.90 18.65 9.05
C MSE A 264 9.16 17.39 8.67
O MSE A 264 9.56 16.29 9.07
CB MSE A 264 11.11 18.82 8.13
CG MSE A 264 10.69 19.08 6.68
SE MSE A 264 12.19 18.96 5.39
CE MSE A 264 13.21 20.49 6.07
N ILE A 265 8.08 17.54 7.92
CA ILE A 265 7.34 16.38 7.46
C ILE A 265 7.35 16.49 5.94
N ILE A 266 7.77 15.41 5.28
CA ILE A 266 7.85 15.39 3.84
C ILE A 266 7.07 14.24 3.30
N SER A 267 6.60 14.38 2.06
CA SER A 267 5.82 13.33 1.47
C SER A 267 5.71 13.56 -0.03
N ASN A 268 5.65 12.44 -0.76
CA ASN A 268 5.50 12.42 -2.21
C ASN A 268 4.33 11.45 -2.36
N PRO A 269 3.09 11.95 -2.17
CA PRO A 269 1.90 11.08 -2.27
C PRO A 269 1.72 10.48 -3.64
N PRO A 270 0.90 9.43 -3.75
CA PRO A 270 0.70 8.84 -5.10
C PRO A 270 -0.25 9.76 -5.90
N PHE A 271 -0.29 9.63 -7.22
CA PHE A 271 -1.24 10.47 -7.94
C PHE A 271 -2.59 9.82 -7.68
N HIS A 272 -3.57 10.65 -7.32
CA HIS A 272 -4.93 10.18 -7.07
C HIS A 272 -5.57 9.62 -8.35
N ASP A 273 -6.90 9.49 -8.32
CA ASP A 273 -7.62 8.98 -9.47
C ASP A 273 -8.79 9.91 -9.75
N GLY A 274 -9.67 10.03 -8.75
CA GLY A 274 -10.84 10.88 -8.89
C GLY A 274 -10.64 12.29 -8.33
N MET A 275 -11.65 12.79 -7.65
CA MET A 275 -11.59 14.11 -7.06
C MET A 275 -11.83 14.01 -5.57
N GLN A 276 -12.72 13.09 -5.21
CA GLN A 276 -13.07 12.88 -3.81
C GLN A 276 -11.97 12.08 -3.13
N THR A 277 -11.52 11.02 -3.80
CA THR A 277 -10.44 10.21 -3.26
C THR A 277 -9.30 11.19 -3.05
N SER A 278 -9.02 12.01 -4.07
CA SER A 278 -7.95 13.01 -4.02
C SER A 278 -8.09 14.03 -2.88
N LEU A 279 -9.29 14.61 -2.72
CA LEU A 279 -9.53 15.58 -1.66
C LEU A 279 -9.30 14.96 -0.30
N ASP A 280 -9.92 13.81 -0.06
CA ASP A 280 -9.80 13.11 1.21
C ASP A 280 -8.35 12.88 1.57
N ALA A 281 -7.58 12.37 0.61
CA ALA A 281 -6.19 12.07 0.84
C ALA A 281 -5.41 13.33 1.23
N ALA A 282 -5.74 14.44 0.56
CA ALA A 282 -5.08 15.72 0.82
C ALA A 282 -5.43 16.24 2.22
N GLN A 283 -6.69 16.06 2.65
CA GLN A 283 -7.15 16.51 3.94
C GLN A 283 -6.48 15.76 5.10
N THR A 284 -6.50 14.45 5.01
CA THR A 284 -5.89 13.57 5.99
C THR A 284 -4.41 13.89 6.17
N LEU A 285 -3.70 14.08 5.07
CA LEU A 285 -2.30 14.38 5.17
C LEU A 285 -2.07 15.73 5.85
N ILE A 286 -2.73 16.76 5.36
CA ILE A 286 -2.53 18.10 5.89
C ILE A 286 -3.08 18.34 7.31
N ARG A 287 -4.30 17.89 7.56
CA ARG A 287 -4.90 18.06 8.88
C ARG A 287 -4.15 17.24 9.93
N GLY A 288 -3.55 16.13 9.52
CA GLY A 288 -2.79 15.34 10.49
C GLY A 288 -1.45 15.99 10.76
N ALA A 289 -0.96 16.74 9.77
CA ALA A 289 0.33 17.40 9.89
C ALA A 289 0.44 18.46 11.00
N VAL A 290 -0.53 19.37 11.08
CA VAL A 290 -0.49 20.41 12.12
C VAL A 290 -0.36 19.82 13.52
N ARG A 291 -0.79 18.59 13.69
CA ARG A 291 -0.74 17.93 14.99
C ARG A 291 0.62 17.32 15.32
N HIS A 292 1.54 17.28 14.35
CA HIS A 292 2.82 16.64 14.59
C HIS A 292 4.04 17.42 14.20
N LEU A 293 3.93 18.74 14.32
CA LEU A 293 5.01 19.63 13.93
C LEU A 293 5.46 20.50 15.10
N ASN A 294 6.76 20.46 15.44
CA ASN A 294 7.23 21.34 16.49
C ASN A 294 6.96 22.77 16.03
N SER A 295 7.09 23.73 16.95
CA SER A 295 6.87 25.14 16.64
C SER A 295 7.83 25.55 15.52
N GLY A 296 7.32 26.20 14.47
CA GLY A 296 8.22 26.57 13.39
C GLY A 296 8.66 25.39 12.51
N GLY A 297 8.06 24.21 12.71
CA GLY A 297 8.41 23.07 11.88
C GLY A 297 7.80 23.27 10.51
N GLU A 298 8.23 22.47 9.52
CA GLU A 298 7.72 22.58 8.15
C GLU A 298 7.08 21.31 7.58
N LEU A 299 6.01 21.49 6.81
CA LEU A 299 5.38 20.38 6.10
C LEU A 299 5.77 20.62 4.64
N ARG A 300 6.38 19.63 3.96
CA ARG A 300 6.74 19.78 2.54
C ARG A 300 6.16 18.61 1.72
N ILE A 301 5.40 18.98 0.68
CA ILE A 301 4.72 18.00 -0.19
C ILE A 301 5.02 18.27 -1.69
N VAL A 302 5.38 17.24 -2.47
CA VAL A 302 5.58 17.43 -3.91
C VAL A 302 4.37 16.65 -4.48
N ALA A 303 3.70 17.23 -5.46
CA ALA A 303 2.52 16.61 -6.02
C ALA A 303 2.12 17.31 -7.32
N ASN A 304 1.38 16.58 -8.15
CA ASN A 304 0.89 17.16 -9.42
C ASN A 304 0.04 18.42 -9.09
N ALA A 305 0.21 19.49 -9.86
CA ALA A 305 -0.49 20.76 -9.63
C ALA A 305 -2.01 20.73 -9.76
N PHE A 306 -2.51 19.70 -10.42
CA PHE A 306 -3.92 19.53 -10.65
C PHE A 306 -4.67 19.15 -9.36
N LEU A 307 -3.99 18.46 -8.43
CA LEU A 307 -4.63 18.00 -7.20
C LEU A 307 -4.94 19.17 -6.24
N PRO A 308 -5.89 18.97 -5.31
CA PRO A 308 -6.37 19.95 -4.33
C PRO A 308 -5.58 20.31 -3.06
N TYR A 309 -4.26 20.23 -3.08
CA TYR A 309 -3.51 20.59 -1.87
C TYR A 309 -3.49 22.05 -1.47
N PRO A 310 -3.39 22.97 -2.44
CA PRO A 310 -3.35 24.40 -2.08
C PRO A 310 -4.52 24.87 -1.20
N ASP A 311 -5.74 24.52 -1.60
CA ASP A 311 -6.89 24.95 -0.82
C ASP A 311 -6.90 24.31 0.55
N VAL A 312 -6.55 23.03 0.62
CA VAL A 312 -6.51 22.32 1.92
C VAL A 312 -5.43 22.97 2.81
N LEU A 313 -4.34 23.35 2.16
CA LEU A 313 -3.21 23.99 2.84
C LEU A 313 -3.65 25.35 3.41
N ASP A 314 -4.28 26.17 2.58
CA ASP A 314 -4.73 27.46 3.07
C ASP A 314 -5.70 27.30 4.26
N GLU A 315 -6.64 26.39 4.10
CA GLU A 315 -7.62 26.11 5.13
C GLU A 315 -6.98 25.70 6.44
N THR A 316 -5.98 24.84 6.38
CA THR A 316 -5.32 24.35 7.59
C THR A 316 -4.26 25.25 8.20
N PHE A 317 -3.34 25.76 7.38
CA PHE A 317 -2.25 26.59 7.87
C PHE A 317 -2.49 28.08 7.64
N GLY A 318 -3.53 28.41 6.90
CA GLY A 318 -3.78 29.82 6.65
C GLY A 318 -3.25 30.22 5.30
N PHE A 319 -2.06 29.74 4.97
CA PHE A 319 -1.44 30.01 3.68
C PHE A 319 -0.28 29.03 3.47
N HIS A 320 0.30 29.07 2.28
CA HIS A 320 1.42 28.18 1.93
C HIS A 320 2.23 28.83 0.80
N GLU A 321 3.36 28.21 0.49
CA GLU A 321 4.24 28.66 -0.57
C GLU A 321 4.51 27.49 -1.50
N VAL A 322 4.78 27.86 -2.75
CA VAL A 322 5.18 26.91 -3.78
C VAL A 322 6.67 27.30 -3.82
N ILE A 323 7.53 26.41 -3.34
CA ILE A 323 8.94 26.70 -3.31
C ILE A 323 9.71 26.16 -4.51
N ALA A 324 9.10 25.24 -5.27
CA ALA A 324 9.74 24.67 -6.46
C ALA A 324 8.63 24.14 -7.43
N GLN A 325 8.92 24.24 -8.73
CA GLN A 325 7.97 23.83 -9.74
C GLN A 325 8.61 23.29 -11.02
N THR A 326 7.83 22.49 -11.75
CA THR A 326 8.21 21.96 -13.08
C THR A 326 6.93 21.90 -13.92
N GLY A 327 7.04 21.20 -15.05
CA GLY A 327 5.90 21.05 -15.95
C GLY A 327 4.74 20.21 -15.44
N ARG A 328 4.90 19.62 -14.27
CA ARG A 328 3.81 18.84 -13.74
C ARG A 328 3.70 18.96 -12.22
N PHE A 329 4.85 18.95 -11.55
CA PHE A 329 4.89 19.02 -10.08
C PHE A 329 5.16 20.34 -9.41
N LYS A 330 4.64 20.45 -8.20
CA LYS A 330 4.88 21.60 -7.36
C LYS A 330 5.32 21.10 -5.99
N VAL A 331 6.26 21.78 -5.36
CA VAL A 331 6.60 21.38 -4.01
C VAL A 331 5.91 22.43 -3.14
N TYR A 332 5.00 22.00 -2.30
CA TYR A 332 4.35 22.94 -1.39
C TYR A 332 5.00 22.93 -0.02
N ARG A 333 5.13 24.12 0.57
CA ARG A 333 5.69 24.25 1.92
C ARG A 333 4.71 25.04 2.81
N ALA A 334 4.50 24.56 4.03
CA ALA A 334 3.64 25.21 5.02
C ALA A 334 4.40 25.14 6.36
N ILE A 335 4.40 26.22 7.13
CA ILE A 335 5.10 26.21 8.43
C ILE A 335 4.16 26.29 9.65
N MSE A 336 4.55 25.67 10.78
CA MSE A 336 3.73 25.69 12.00
C MSE A 336 3.51 27.10 12.52
O MSE A 336 2.35 27.47 12.78
CB MSE A 336 4.38 24.88 13.11
CG MSE A 336 3.70 23.56 13.44
SE MSE A 336 1.73 23.52 13.61
CE MSE A 336 1.47 24.24 15.39
#